data_2V4B
#
_entry.id   2V4B
#
_cell.length_a   51.579
_cell.length_b   64.396
_cell.length_c   113.524
_cell.angle_alpha   90.00
_cell.angle_beta   90.91
_cell.angle_gamma   90.00
#
_symmetry.space_group_name_H-M   'P 1 21 1'
#
loop_
_entity.id
_entity.type
_entity.pdbx_description
1 polymer ADAMTS-1
2 non-polymer 'ZINC ION'
3 non-polymer 'CADMIUM ION'
4 non-polymer 'NICKEL (II) ION'
5 non-polymer 'MAGNESIUM ION'
6 non-polymer 'SODIUM ION'
7 water water
#
_entity_poly.entity_id   1
_entity_poly.type   'polypeptide(L)'
_entity_poly.pdbx_seq_one_letter_code
;FVSSHRYVETMLVADQSMAEFHGSGLKHYLLTLFSVAARLYKHPSIRNSVSLVVVKILVIHDEQKGPEVTSNAALTLRNF
CNWQKQHNPPSDRDAEHYDTAILFTRQDLCGSQTCDTLGMADVGTVCDPSRSCSVIEDDGLQAAFTTAHELGHVFNMPHD
DAKQCASLNGVNQDSHMMASMLSNLDHSQPWSPCSAYMITSFLDNGHGECLMDKPQNPIQLPGDLPGTSYDANRQCQFTF
GEDSKHCPDAASTCSTLWCTGTSGGVLVCQTKHFPWADGTSCGEGKWCINGKCVNKLVPR
;
_entity_poly.pdbx_strand_id   A,B
#
# COMPACT_ATOMS: atom_id res chain seq x y z
N SER A 4 35.86 4.26 -9.92
CA SER A 4 34.98 3.68 -10.98
C SER A 4 33.62 3.22 -10.41
N HIS A 5 32.54 3.49 -11.14
CA HIS A 5 31.19 3.24 -10.66
C HIS A 5 30.81 1.76 -10.84
N ARG A 6 30.28 1.16 -9.78
CA ARG A 6 29.79 -0.22 -9.81
C ARG A 6 28.26 -0.26 -9.79
N TYR A 7 27.68 -1.17 -10.57
CA TYR A 7 26.24 -1.31 -10.66
C TYR A 7 25.89 -2.77 -10.39
N VAL A 8 25.09 -3.00 -9.35
CA VAL A 8 24.69 -4.33 -8.96
C VAL A 8 23.33 -4.60 -9.57
N GLU A 9 23.31 -5.33 -10.66
CA GLU A 9 22.06 -5.63 -11.35
C GLU A 9 21.37 -6.78 -10.66
N THR A 10 20.13 -6.57 -10.22
CA THR A 10 19.47 -7.48 -9.29
C THR A 10 18.17 -8.04 -9.82
N MET A 11 17.89 -9.31 -9.52
CA MET A 11 16.54 -9.85 -9.67
C MET A 11 15.93 -10.04 -8.27
N LEU A 12 14.73 -9.52 -8.08
CA LEU A 12 14.00 -9.76 -6.86
C LEU A 12 12.98 -10.85 -7.18
N VAL A 13 12.79 -11.76 -6.22
CA VAL A 13 11.88 -12.87 -6.31
C VAL A 13 11.08 -12.95 -5.03
N ALA A 14 9.76 -13.11 -5.16
CA ALA A 14 8.86 -13.25 -4.04
C ALA A 14 8.15 -14.59 -4.13
N ASP A 15 8.13 -15.34 -3.03
CA ASP A 15 7.55 -16.69 -3.04
C ASP A 15 6.06 -16.62 -2.85
N GLN A 16 5.40 -17.77 -2.89
CA GLN A 16 3.95 -17.78 -2.77
C GLN A 16 3.46 -17.12 -1.47
N SER A 17 4.16 -17.35 -0.36
CA SER A 17 3.78 -16.75 0.93
C SER A 17 3.72 -15.21 0.85
N MET A 18 4.67 -14.60 0.15
CA MET A 18 4.66 -13.14 -0.07
C MET A 18 3.55 -12.68 -0.98
N ALA A 19 3.22 -13.47 -2.01
CA ALA A 19 2.18 -13.06 -2.97
C ALA A 19 0.81 -13.07 -2.30
N GLU A 20 0.56 -14.11 -1.52
CA GLU A 20 -0.66 -14.20 -0.72
C GLU A 20 -0.80 -13.06 0.28
N PHE A 21 0.29 -12.73 0.95
CA PHE A 21 0.24 -11.75 2.04
C PHE A 21 0.05 -10.33 1.53
N HIS A 22 0.85 -9.92 0.55
CA HIS A 22 0.86 -8.55 0.04
C HIS A 22 -0.17 -8.28 -1.04
N GLY A 23 -0.62 -9.30 -1.74
CA GLY A 23 -1.61 -9.14 -2.82
C GLY A 23 -1.09 -8.20 -3.90
N SER A 24 -1.91 -7.22 -4.31
CA SER A 24 -1.52 -6.42 -5.50
C SER A 24 -0.42 -5.44 -5.16
N GLY A 25 -0.22 -5.18 -3.86
CA GLY A 25 0.84 -4.30 -3.38
C GLY A 25 2.26 -4.86 -3.36
N LEU A 26 2.42 -6.11 -3.72
CA LEU A 26 3.71 -6.79 -3.55
C LEU A 26 4.89 -6.10 -4.25
N LYS A 27 4.75 -5.79 -5.54
CA LYS A 27 5.86 -5.27 -6.33
C LYS A 27 6.36 -3.95 -5.78
N HIS A 28 5.44 -3.07 -5.41
CA HIS A 28 5.80 -1.82 -4.80
C HIS A 28 6.46 -2.02 -3.40
N TYR A 29 6.02 -3.02 -2.67
CA TYR A 29 6.63 -3.33 -1.35
C TYR A 29 8.09 -3.75 -1.52
N LEU A 30 8.34 -4.64 -2.48
CA LEU A 30 9.71 -5.14 -2.71
C LEU A 30 10.60 -3.99 -3.13
N LEU A 31 10.07 -3.16 -4.03
CA LEU A 31 10.82 -2.00 -4.54
C LEU A 31 11.10 -0.95 -3.48
N THR A 32 10.16 -0.81 -2.55
CA THR A 32 10.33 0.08 -1.40
C THR A 32 11.49 -0.44 -0.52
N LEU A 33 11.43 -1.73 -0.19
CA LEU A 33 12.51 -2.37 0.58
C LEU A 33 13.85 -2.14 -0.06
N PHE A 34 13.88 -2.29 -1.39
CA PHE A 34 15.12 -2.25 -2.12
C PHE A 34 15.68 -0.84 -2.22
N SER A 35 14.78 0.14 -2.27
CA SER A 35 15.14 1.55 -2.32
C SER A 35 15.89 1.94 -1.04
N VAL A 36 15.42 1.47 0.11
CA VAL A 36 16.11 1.72 1.37
C VAL A 36 17.53 1.11 1.33
N ALA A 37 17.64 -0.15 0.93
CA ALA A 37 18.95 -0.80 0.79
C ALA A 37 19.87 -0.01 -0.14
N ALA A 38 19.37 0.38 -1.31
CA ALA A 38 20.16 1.17 -2.26
C ALA A 38 20.71 2.48 -1.66
N ARG A 39 19.88 3.15 -0.85
CA ARG A 39 20.33 4.37 -0.19
C ARG A 39 21.49 4.09 0.78
N LEU A 40 21.43 2.96 1.47
CA LEU A 40 22.51 2.54 2.38
C LEU A 40 23.81 2.34 1.63
N TYR A 41 23.77 1.62 0.51
CA TYR A 41 24.98 1.43 -0.30
C TYR A 41 25.53 2.71 -0.93
N LYS A 42 24.73 3.77 -0.95
CA LYS A 42 25.16 5.08 -1.43
C LYS A 42 25.82 5.92 -0.33
N HIS A 43 25.82 5.42 0.91
CA HIS A 43 26.39 6.21 2.00
C HIS A 43 27.92 6.25 1.82
N PRO A 44 28.54 7.45 1.95
CA PRO A 44 30.00 7.61 1.75
C PRO A 44 30.89 6.73 2.64
N SER A 45 30.39 6.34 3.81
CA SER A 45 31.13 5.47 4.72
C SER A 45 31.54 4.12 4.10
N ILE A 46 30.88 3.70 3.03
CA ILE A 46 31.25 2.47 2.29
C ILE A 46 32.51 2.65 1.40
N ARG A 47 33.02 3.89 1.31
CA ARG A 47 34.24 4.27 0.57
C ARG A 47 34.31 3.79 -0.89
N ASN A 48 33.14 3.55 -1.50
CA ASN A 48 33.05 3.03 -2.85
C ASN A 48 31.78 3.54 -3.52
N SER A 49 31.76 3.49 -4.86
CA SER A 49 30.58 3.81 -5.64
C SER A 49 29.83 2.53 -6.03
N VAL A 50 28.63 2.34 -5.46
CA VAL A 50 27.83 1.13 -5.70
C VAL A 50 26.34 1.46 -5.86
N SER A 51 25.82 1.34 -7.08
CA SER A 51 24.39 1.51 -7.34
C SER A 51 23.67 0.17 -7.47
N LEU A 52 22.78 -0.12 -6.53
CA LEU A 52 21.91 -1.30 -6.62
C LEU A 52 20.74 -0.99 -7.52
N VAL A 53 20.54 -1.78 -8.56
CA VAL A 53 19.45 -1.55 -9.53
C VAL A 53 18.67 -2.83 -9.76
N VAL A 54 17.37 -2.69 -10.05
CA VAL A 54 16.55 -3.86 -10.37
C VAL A 54 16.46 -4.00 -11.88
N VAL A 55 16.79 -5.18 -12.39
CA VAL A 55 16.60 -5.48 -13.81
C VAL A 55 15.44 -6.48 -14.04
N LYS A 56 14.97 -7.11 -12.97
CA LYS A 56 13.97 -8.19 -13.08
C LYS A 56 13.26 -8.46 -11.74
N ILE A 57 11.95 -8.70 -11.82
CA ILE A 57 11.16 -9.12 -10.68
C ILE A 57 10.39 -10.36 -11.12
N LEU A 58 10.41 -11.41 -10.29
CA LEU A 58 9.57 -12.58 -10.49
C LEU A 58 8.72 -12.86 -9.28
N VAL A 59 7.45 -13.14 -9.51
CA VAL A 59 6.54 -13.45 -8.44
C VAL A 59 5.97 -14.84 -8.65
N ILE A 60 6.08 -15.64 -7.60
CA ILE A 60 5.69 -17.04 -7.61
C ILE A 60 4.30 -17.17 -7.03
N HIS A 61 3.31 -17.19 -7.91
CA HIS A 61 1.90 -17.45 -7.54
C HIS A 61 1.60 -18.94 -7.40
N ASP A 62 2.33 -19.73 -8.17
CA ASP A 62 2.22 -21.19 -8.16
C ASP A 62 3.50 -21.75 -7.57
N GLU A 63 3.39 -22.41 -6.40
CA GLU A 63 4.55 -22.91 -5.67
C GLU A 63 5.43 -23.83 -6.55
N GLN A 64 4.80 -24.69 -7.35
CA GLN A 64 5.52 -25.57 -8.28
C GLN A 64 6.46 -24.84 -9.26
N LYS A 65 6.21 -23.56 -9.54
CA LYS A 65 7.04 -22.77 -10.44
C LYS A 65 8.23 -22.12 -9.76
N GLY A 66 8.30 -22.21 -8.43
CA GLY A 66 9.42 -21.61 -7.71
C GLY A 66 10.31 -22.70 -7.14
N PRO A 67 11.25 -22.33 -6.28
CA PRO A 67 12.04 -23.29 -5.50
C PRO A 67 11.28 -23.76 -4.26
N GLU A 68 11.70 -24.89 -3.68
CA GLU A 68 11.17 -25.28 -2.37
C GLU A 68 11.63 -24.27 -1.33
N VAL A 69 10.67 -23.66 -0.62
CA VAL A 69 11.02 -22.78 0.48
C VAL A 69 10.72 -23.53 1.77
N THR A 70 11.67 -23.53 2.70
CA THR A 70 11.53 -24.22 3.98
C THR A 70 12.15 -23.41 5.12
N SER A 71 11.91 -23.85 6.35
CA SER A 71 12.40 -23.15 7.53
C SER A 71 13.91 -23.27 7.70
N ASN A 72 14.51 -24.30 7.09
CA ASN A 72 15.96 -24.47 7.03
C ASN A 72 16.55 -23.44 6.04
N ALA A 73 17.14 -22.38 6.57
CA ALA A 73 17.61 -21.27 5.75
C ALA A 73 18.70 -21.67 4.77
N ALA A 74 19.69 -22.43 5.24
CA ALA A 74 20.77 -22.90 4.37
C ALA A 74 20.24 -23.77 3.21
N LEU A 75 19.28 -24.65 3.50
CA LEU A 75 18.65 -25.42 2.44
C LEU A 75 17.80 -24.55 1.50
N THR A 76 17.06 -23.62 2.09
CA THR A 76 16.29 -22.67 1.28
C THR A 76 17.22 -21.86 0.36
N LEU A 77 18.34 -21.41 0.90
CA LEU A 77 19.32 -20.71 0.08
C LEU A 77 19.85 -21.54 -1.10
N ARG A 78 20.29 -22.77 -0.79
CA ARG A 78 20.75 -23.72 -1.81
C ARG A 78 19.69 -23.98 -2.90
N ASN A 79 18.45 -24.24 -2.47
CA ASN A 79 17.36 -24.47 -3.40
C ASN A 79 17.13 -23.29 -4.35
N PHE A 80 17.04 -22.08 -3.78
CA PHE A 80 16.85 -20.82 -4.54
C PHE A 80 17.98 -20.62 -5.55
N CYS A 81 19.20 -20.83 -5.08
CA CYS A 81 20.37 -20.62 -5.90
C CYS A 81 20.42 -21.53 -7.15
N ASN A 82 20.05 -22.79 -6.99
CA ASN A 82 19.95 -23.69 -8.13
C ASN A 82 18.83 -23.24 -9.05
N TRP A 83 17.68 -22.92 -8.45
CA TRP A 83 16.47 -22.61 -9.21
C TRP A 83 16.66 -21.37 -10.09
N GLN A 84 17.22 -20.32 -9.49
CA GLN A 84 17.39 -19.04 -10.18
C GLN A 84 18.21 -19.12 -11.49
N LYS A 85 19.04 -20.15 -11.66
CA LYS A 85 20.01 -20.21 -12.77
C LYS A 85 19.36 -20.17 -14.16
N GLN A 86 18.25 -20.89 -14.32
CA GLN A 86 17.49 -20.94 -15.57
C GLN A 86 16.90 -19.59 -15.99
N HIS A 87 16.78 -18.67 -15.03
CA HIS A 87 16.15 -17.38 -15.30
C HIS A 87 17.15 -16.30 -15.68
N ASN A 88 18.44 -16.63 -15.73
CA ASN A 88 19.42 -15.63 -16.04
C ASN A 88 19.98 -15.85 -17.44
N PRO A 89 19.76 -14.88 -18.36
CA PRO A 89 20.43 -14.96 -19.65
C PRO A 89 21.94 -15.06 -19.45
N PRO A 90 22.63 -15.84 -20.30
CA PRO A 90 24.08 -16.03 -20.12
C PRO A 90 24.94 -14.76 -20.25
N SER A 91 24.56 -13.86 -21.16
CA SER A 91 25.38 -12.67 -21.44
C SER A 91 24.93 -11.47 -20.62
N ASP A 92 25.91 -10.74 -20.08
CA ASP A 92 25.63 -9.48 -19.41
C ASP A 92 25.31 -8.34 -20.40
N ARG A 93 25.23 -8.64 -21.70
CA ARG A 93 24.73 -7.66 -22.68
C ARG A 93 23.20 -7.67 -22.70
N ASP A 94 22.60 -8.79 -22.36
CA ASP A 94 21.14 -8.85 -22.22
C ASP A 94 20.68 -7.95 -21.08
N ALA A 95 19.64 -7.17 -21.34
CA ALA A 95 19.16 -6.14 -20.41
C ALA A 95 18.67 -6.74 -19.10
N GLU A 96 18.10 -7.94 -19.17
CA GLU A 96 17.57 -8.64 -18.00
C GLU A 96 18.59 -9.59 -17.32
N HIS A 97 19.84 -9.60 -17.79
CA HIS A 97 20.90 -10.29 -17.05
C HIS A 97 21.14 -9.57 -15.72
N TYR A 98 21.20 -10.35 -14.65
CA TYR A 98 21.47 -9.87 -13.28
C TYR A 98 22.75 -10.45 -12.67
N ASP A 99 23.42 -9.63 -11.86
CA ASP A 99 24.63 -10.03 -11.11
C ASP A 99 24.31 -10.68 -9.77
N THR A 100 23.05 -10.57 -9.30
CA THR A 100 22.67 -11.15 -7.99
C THR A 100 21.14 -11.32 -7.91
N ALA A 101 20.71 -12.26 -7.11
CA ALA A 101 19.26 -12.59 -6.97
C ALA A 101 18.90 -12.73 -5.50
N ILE A 102 17.77 -12.12 -5.11
CA ILE A 102 17.29 -12.11 -3.73
C ILE A 102 15.87 -12.68 -3.65
N LEU A 103 15.71 -13.65 -2.78
CA LEU A 103 14.41 -14.25 -2.53
C LEU A 103 13.87 -13.69 -1.22
N PHE A 104 12.61 -13.27 -1.28
CA PHE A 104 11.84 -12.82 -0.13
C PHE A 104 10.72 -13.81 0.20
N THR A 105 10.59 -14.18 1.48
CA THR A 105 9.54 -15.07 1.97
C THR A 105 9.00 -14.62 3.32
N ARG A 106 7.75 -14.99 3.63
CA ARG A 106 7.13 -14.75 4.94
C ARG A 106 7.48 -15.88 5.93
N GLN A 107 7.94 -17.01 5.40
CA GLN A 107 8.37 -18.14 6.21
C GLN A 107 9.43 -17.75 7.23
N ASP A 108 9.22 -18.20 8.47
CA ASP A 108 10.22 -18.06 9.52
C ASP A 108 11.40 -18.95 9.21
N LEU A 109 12.53 -18.32 8.92
CA LEU A 109 13.79 -18.99 8.65
C LEU A 109 14.51 -19.35 9.95
N CYS A 110 15.24 -20.46 9.90
CA CYS A 110 15.88 -21.01 11.07
C CYS A 110 17.29 -21.49 10.76
N GLY A 111 18.18 -21.37 11.75
CA GLY A 111 19.48 -22.04 11.73
C GLY A 111 19.37 -23.41 12.38
N SER A 112 20.51 -24.01 12.67
CA SER A 112 20.55 -25.19 13.53
C SER A 112 20.20 -24.75 14.94
N GLN A 113 20.81 -23.63 15.34
CA GLN A 113 20.55 -22.99 16.64
C GLN A 113 19.07 -22.69 16.89
N THR A 114 18.58 -21.57 16.36
CA THR A 114 17.26 -21.03 16.66
C THR A 114 16.60 -20.60 15.36
N CYS A 115 15.42 -20.00 15.46
CA CYS A 115 14.81 -19.31 14.33
C CYS A 115 14.92 -17.79 14.45
N ASP A 116 15.90 -17.33 15.23
CA ASP A 116 16.23 -15.90 15.31
C ASP A 116 16.74 -15.39 13.97
N THR A 117 17.30 -16.28 13.17
CA THR A 117 17.76 -15.97 11.81
C THR A 117 16.70 -15.22 10.98
N LEU A 118 17.13 -14.21 10.24
CA LEU A 118 16.28 -13.43 9.33
C LEU A 118 16.72 -13.44 7.87
N GLY A 119 17.92 -13.97 7.59
CA GLY A 119 18.39 -14.10 6.22
C GLY A 119 19.63 -14.99 6.10
N MET A 120 20.03 -15.25 4.86
CA MET A 120 21.12 -16.19 4.58
C MET A 120 21.72 -15.86 3.22
N ALA A 121 23.04 -16.01 3.12
CA ALA A 121 23.75 -15.73 1.88
C ALA A 121 25.11 -16.43 1.89
N ASP A 122 25.79 -16.47 0.75
CA ASP A 122 27.18 -16.95 0.74
C ASP A 122 28.13 -15.78 0.58
N VAL A 123 29.36 -15.96 1.04
CA VAL A 123 30.29 -14.87 1.20
C VAL A 123 31.12 -14.70 -0.05
N GLY A 124 31.14 -13.48 -0.57
CA GLY A 124 32.04 -13.11 -1.66
C GLY A 124 31.65 -13.60 -3.03
N THR A 125 30.36 -13.84 -3.25
CA THR A 125 29.87 -14.56 -4.42
C THR A 125 29.33 -13.70 -5.57
N VAL A 126 29.46 -12.36 -5.46
CA VAL A 126 28.64 -11.44 -6.26
C VAL A 126 28.72 -11.57 -7.80
N CYS A 127 29.88 -11.97 -8.33
CA CYS A 127 30.04 -12.15 -9.78
C CYS A 127 30.18 -13.63 -10.19
N ASP A 128 29.55 -14.51 -9.41
CA ASP A 128 29.42 -15.93 -9.76
C ASP A 128 27.93 -16.19 -9.92
N PRO A 129 27.42 -16.20 -11.16
CA PRO A 129 26.03 -16.43 -11.50
C PRO A 129 25.39 -17.65 -10.83
N SER A 130 26.20 -18.68 -10.55
CA SER A 130 25.73 -19.90 -9.91
C SER A 130 25.59 -19.80 -8.38
N ARG A 131 26.15 -18.76 -7.76
CA ARG A 131 26.16 -18.64 -6.29
C ARG A 131 25.75 -17.27 -5.71
N SER A 132 25.45 -16.30 -6.58
CA SER A 132 25.22 -14.93 -6.14
C SER A 132 23.75 -14.79 -5.74
N CYS A 133 23.46 -15.14 -4.49
CA CYS A 133 22.11 -15.32 -4.01
C CYS A 133 21.99 -15.03 -2.50
N SER A 134 20.83 -14.52 -2.12
CA SER A 134 20.48 -14.13 -0.78
C SER A 134 19.02 -14.57 -0.57
N VAL A 135 18.69 -14.94 0.66
CA VAL A 135 17.29 -15.19 1.02
C VAL A 135 16.97 -14.34 2.27
N ILE A 136 15.79 -13.72 2.27
CA ILE A 136 15.39 -12.75 3.28
C ILE A 136 13.99 -13.06 3.84
N GLU A 137 13.90 -13.15 5.17
CA GLU A 137 12.62 -13.23 5.86
C GLU A 137 12.02 -11.81 5.96
N ASP A 138 10.82 -11.67 5.40
CA ASP A 138 10.06 -10.41 5.44
C ASP A 138 9.28 -10.33 6.75
N ASP A 139 9.87 -9.61 7.70
CA ASP A 139 9.25 -9.28 8.99
C ASP A 139 8.85 -7.78 9.03
N GLY A 140 8.55 -7.22 7.86
CA GLY A 140 8.27 -5.80 7.69
C GLY A 140 9.41 -5.02 7.05
N LEU A 141 9.28 -3.68 7.09
CA LEU A 141 10.22 -2.76 6.43
C LEU A 141 11.64 -2.88 6.93
N GLN A 142 11.82 -3.39 8.14
CA GLN A 142 13.16 -3.71 8.65
C GLN A 142 13.89 -4.77 7.81
N ALA A 143 13.15 -5.50 6.97
CA ALA A 143 13.75 -6.41 5.96
C ALA A 143 14.71 -5.73 4.98
N ALA A 144 14.57 -4.41 4.79
CA ALA A 144 15.52 -3.65 3.99
C ALA A 144 16.92 -3.69 4.58
N PHE A 145 16.98 -3.69 5.90
CA PHE A 145 18.26 -3.67 6.59
C PHE A 145 18.83 -5.08 6.56
N THR A 146 17.98 -6.09 6.68
CA THR A 146 18.41 -7.46 6.46
C THR A 146 18.94 -7.65 5.03
N THR A 147 18.23 -7.07 4.05
CA THR A 147 18.60 -7.19 2.66
C THR A 147 20.02 -6.61 2.44
N ALA A 148 20.26 -5.43 2.99
CA ALA A 148 21.57 -4.78 2.85
C ALA A 148 22.68 -5.54 3.59
N HIS A 149 22.35 -6.14 4.74
CA HIS A 149 23.31 -6.92 5.53
C HIS A 149 23.77 -8.17 4.77
N GLU A 150 22.82 -8.93 4.24
CA GLU A 150 23.14 -10.11 3.44
C GLU A 150 23.88 -9.80 2.14
N LEU A 151 23.56 -8.69 1.47
CA LEU A 151 24.31 -8.28 0.29
C LEU A 151 25.74 -7.88 0.66
N GLY A 152 25.94 -7.45 1.90
CA GLY A 152 27.28 -7.15 2.40
C GLY A 152 28.14 -8.40 2.48
N HIS A 153 27.57 -9.46 3.03
CA HIS A 153 28.19 -10.79 2.95
C HIS A 153 28.47 -11.18 1.50
N VAL A 154 27.49 -11.02 0.62
CA VAL A 154 27.68 -11.31 -0.81
C VAL A 154 28.89 -10.53 -1.39
N PHE A 155 29.13 -9.34 -0.84
CA PHE A 155 30.32 -8.51 -1.15
C PHE A 155 31.57 -8.82 -0.32
N ASN A 156 31.57 -9.97 0.35
CA ASN A 156 32.73 -10.43 1.16
C ASN A 156 32.96 -9.71 2.49
N MET A 157 31.95 -9.00 2.99
CA MET A 157 32.05 -8.34 4.31
C MET A 157 31.72 -9.34 5.40
N PRO A 158 32.59 -9.45 6.41
CA PRO A 158 32.33 -10.31 7.54
C PRO A 158 31.54 -9.56 8.61
N HIS A 159 31.16 -10.24 9.69
CA HIS A 159 30.54 -9.58 10.82
C HIS A 159 31.61 -8.76 11.52
N ASP A 160 31.22 -7.61 12.07
CA ASP A 160 32.18 -6.65 12.60
C ASP A 160 32.91 -7.13 13.88
N ASP A 161 32.36 -8.16 14.53
CA ASP A 161 32.96 -8.75 15.72
C ASP A 161 34.01 -9.83 15.38
N ALA A 162 34.21 -10.09 14.10
CA ALA A 162 35.20 -11.08 13.67
C ALA A 162 36.63 -10.59 13.93
N LYS A 163 37.56 -11.54 14.00
CA LYS A 163 38.94 -11.24 14.40
C LYS A 163 39.67 -10.34 13.40
N GLN A 164 39.41 -10.55 12.10
CA GLN A 164 40.07 -9.75 11.06
C GLN A 164 39.63 -8.27 11.05
N CYS A 165 38.54 -7.97 11.75
CA CYS A 165 38.04 -6.60 11.89
C CYS A 165 38.57 -5.87 13.12
N ALA A 166 39.33 -6.58 13.96
CA ALA A 166 39.76 -6.06 15.26
C ALA A 166 40.55 -4.74 15.20
N SER A 167 41.54 -4.67 14.31
CA SER A 167 42.38 -3.48 14.21
C SER A 167 41.64 -2.31 13.55
N LEU A 168 40.72 -2.62 12.65
CA LEU A 168 40.04 -1.59 11.86
C LEU A 168 38.89 -0.93 12.62
N ASN A 169 38.12 -1.71 13.38
CA ASN A 169 36.88 -1.24 14.00
C ASN A 169 37.05 -0.66 15.41
N SER A 175 26.22 -1.45 16.20
CA SER A 175 26.51 -0.10 15.75
C SER A 175 26.40 0.09 14.23
N HIS A 176 27.01 -0.81 13.47
CA HIS A 176 27.04 -0.70 12.00
C HIS A 176 26.31 -1.86 11.32
N MET A 177 26.22 -1.77 9.99
CA MET A 177 25.43 -2.69 9.17
C MET A 177 25.81 -4.16 9.34
N MET A 178 27.10 -4.43 9.50
CA MET A 178 27.57 -5.81 9.61
C MET A 178 27.69 -6.30 11.05
N ALA A 179 27.09 -5.57 11.99
CA ALA A 179 27.04 -5.97 13.40
C ALA A 179 26.45 -7.37 13.53
N SER A 180 27.08 -8.19 14.37
CA SER A 180 26.68 -9.58 14.60
C SER A 180 25.20 -9.79 14.97
N MET A 181 24.55 -8.76 15.52
CA MET A 181 23.08 -8.80 15.76
C MET A 181 22.41 -7.43 15.55
N LEU A 185 21.54 0.82 14.67
CA LEU A 185 22.29 1.21 13.48
C LEU A 185 22.64 2.68 13.57
N ASP A 186 23.88 3.02 13.23
CA ASP A 186 24.32 4.42 13.21
C ASP A 186 24.13 5.03 11.82
N HIS A 187 23.03 5.74 11.62
CA HIS A 187 22.75 6.42 10.34
C HIS A 187 23.71 7.56 9.95
N SER A 188 24.58 7.96 10.86
CA SER A 188 25.65 8.90 10.53
C SER A 188 26.83 8.16 9.87
N GLN A 189 26.91 6.85 10.09
CA GLN A 189 28.02 6.05 9.60
C GLN A 189 27.62 4.57 9.56
N PRO A 190 26.66 4.21 8.68
CA PRO A 190 26.10 2.85 8.70
C PRO A 190 27.11 1.72 8.49
N TRP A 191 28.19 1.97 7.74
CA TRP A 191 29.21 0.96 7.46
C TRP A 191 30.45 1.18 8.35
N SER A 192 30.98 0.07 8.87
CA SER A 192 32.17 0.09 9.70
C SER A 192 33.42 0.22 8.83
N PRO A 193 34.53 0.72 9.41
CA PRO A 193 35.82 0.74 8.72
C PRO A 193 36.20 -0.61 8.11
N CYS A 194 35.88 -1.69 8.81
CA CYS A 194 36.18 -3.03 8.32
C CYS A 194 35.39 -3.37 7.06
N SER A 195 34.13 -2.97 7.01
CA SER A 195 33.27 -3.23 5.85
C SER A 195 33.76 -2.44 4.63
N ALA A 196 34.10 -1.17 4.85
CA ALA A 196 34.69 -0.36 3.80
C ALA A 196 35.98 -1.02 3.27
N TYR A 197 36.76 -1.60 4.17
CA TYR A 197 38.05 -2.20 3.82
C TYR A 197 37.86 -3.47 3.01
N MET A 198 36.95 -4.32 3.49
CA MET A 198 36.76 -5.64 2.93
C MET A 198 36.14 -5.60 1.54
N ILE A 199 35.21 -4.67 1.30
CA ILE A 199 34.61 -4.52 -0.03
C ILE A 199 35.58 -3.85 -0.99
N THR A 200 36.33 -2.89 -0.50
CA THR A 200 37.35 -2.27 -1.37
C THR A 200 38.36 -3.30 -1.86
N SER A 201 38.88 -4.12 -0.93
CA SER A 201 39.84 -5.18 -1.27
C SER A 201 39.28 -6.16 -2.29
N PHE A 202 38.06 -6.59 -2.06
CA PHE A 202 37.36 -7.53 -2.95
C PHE A 202 37.28 -6.99 -4.38
N LEU A 203 36.86 -5.74 -4.51
CA LEU A 203 36.78 -5.04 -5.79
C LEU A 203 38.15 -4.78 -6.45
N ASP A 204 39.09 -4.31 -5.66
CA ASP A 204 40.46 -4.01 -6.12
C ASP A 204 41.26 -5.27 -6.53
N ASN A 205 40.92 -6.39 -5.93
CA ASN A 205 41.49 -7.68 -6.31
C ASN A 205 40.85 -8.24 -7.59
N GLY A 206 39.80 -7.57 -8.09
CA GLY A 206 39.24 -7.82 -9.43
C GLY A 206 37.94 -8.60 -9.45
N HIS A 207 37.39 -8.90 -8.29
CA HIS A 207 36.30 -9.89 -8.17
C HIS A 207 34.89 -9.31 -8.42
N GLY A 208 34.79 -8.00 -8.60
CA GLY A 208 33.52 -7.32 -8.91
C GLY A 208 33.43 -6.88 -10.35
N GLU A 209 34.07 -7.61 -11.26
CA GLU A 209 34.19 -7.22 -12.66
C GLU A 209 32.84 -7.24 -13.40
N CYS A 210 31.90 -8.08 -12.99
CA CYS A 210 30.58 -8.09 -13.64
C CYS A 210 29.77 -6.83 -13.34
N LEU A 211 30.20 -6.08 -12.32
CA LEU A 211 29.47 -4.88 -11.89
C LEU A 211 29.84 -3.60 -12.65
N MET A 212 30.62 -3.69 -13.71
CA MET A 212 31.14 -2.48 -14.36
C MET A 212 30.17 -1.90 -15.38
N ASP A 213 29.28 -2.74 -15.92
CA ASP A 213 28.39 -2.31 -16.98
C ASP A 213 27.10 -1.62 -16.46
N LYS A 214 26.65 -0.58 -17.16
CA LYS A 214 25.39 0.09 -16.84
C LYS A 214 24.19 -0.80 -17.12
N PRO A 215 23.13 -0.68 -16.30
CA PRO A 215 21.86 -1.31 -16.67
C PRO A 215 21.18 -0.66 -17.88
N GLN A 216 20.38 -1.46 -18.58
CA GLN A 216 19.58 -1.01 -19.71
C GLN A 216 18.12 -1.09 -19.28
N ASN A 217 17.43 0.05 -19.27
CA ASN A 217 16.03 0.10 -18.84
C ASN A 217 15.75 -0.51 -17.45
N PRO A 218 16.45 -0.04 -16.41
CA PRO A 218 16.18 -0.60 -15.08
C PRO A 218 14.76 -0.29 -14.60
N ILE A 219 14.24 -1.14 -13.72
CA ILE A 219 12.94 -0.90 -13.10
C ILE A 219 13.10 0.23 -12.07
N GLN A 220 12.40 1.34 -12.31
CA GLN A 220 12.52 2.56 -11.50
C GLN A 220 12.19 2.34 -10.03
N LEU A 221 13.10 2.76 -9.16
CA LEU A 221 12.86 2.66 -7.72
C LEU A 221 12.06 3.87 -7.24
N PRO A 222 11.23 3.69 -6.21
CA PRO A 222 10.54 4.83 -5.61
C PRO A 222 11.52 5.81 -4.97
N GLY A 223 11.28 7.10 -5.20
CA GLY A 223 12.11 8.17 -4.64
C GLY A 223 11.63 8.73 -3.31
N ASP A 224 10.35 8.49 -2.98
CA ASP A 224 9.77 8.95 -1.72
C ASP A 224 10.30 8.10 -0.57
N LEU A 225 10.36 8.69 0.61
CA LEU A 225 10.73 7.93 1.81
C LEU A 225 9.69 6.83 2.08
N PRO A 226 10.13 5.70 2.65
CA PRO A 226 9.22 4.54 2.81
C PRO A 226 7.95 4.81 3.62
N GLY A 227 8.05 5.67 4.64
CA GLY A 227 6.91 6.09 5.46
C GLY A 227 5.86 6.94 4.72
N THR A 228 6.24 7.52 3.58
CA THR A 228 5.28 8.21 2.70
C THR A 228 4.27 7.24 2.08
N SER A 229 4.74 6.04 1.74
CA SER A 229 3.88 4.99 1.19
C SER A 229 3.16 4.20 2.25
N TYR A 230 3.78 4.06 3.42
CA TYR A 230 3.29 3.17 4.47
C TYR A 230 3.26 3.84 5.83
N ASP A 231 2.06 3.99 6.38
CA ASP A 231 1.93 4.63 7.70
C ASP A 231 2.22 3.65 8.84
N ALA A 232 2.20 4.15 10.06
CA ALA A 232 2.52 3.35 11.24
C ALA A 232 1.67 2.09 11.33
N ASN A 233 0.37 2.22 11.06
CA ASN A 233 -0.55 1.07 11.08
C ASN A 233 -0.16 0.00 10.07
N ARG A 234 0.21 0.40 8.84
CA ARG A 234 0.73 -0.53 7.84
C ARG A 234 2.03 -1.20 8.26
N GLN A 235 2.96 -0.42 8.81
CA GLN A 235 4.20 -0.99 9.34
C GLN A 235 3.96 -2.10 10.36
N CYS A 236 2.99 -1.87 11.24
CA CYS A 236 2.57 -2.85 12.24
C CYS A 236 1.94 -4.08 11.61
N GLN A 237 1.14 -3.87 10.58
CA GLN A 237 0.58 -5.01 9.83
C GLN A 237 1.64 -5.90 9.19
N PHE A 238 2.70 -5.29 8.63
CA PHE A 238 3.74 -6.05 7.95
C PHE A 238 4.48 -6.95 8.92
N THR A 239 4.59 -6.52 10.16
CA THR A 239 5.39 -7.24 11.13
C THR A 239 4.53 -8.20 11.95
N PHE A 240 3.32 -7.79 12.31
CA PHE A 240 2.52 -8.56 13.27
C PHE A 240 1.18 -9.04 12.72
N GLY A 241 1.02 -8.96 11.40
CA GLY A 241 -0.19 -9.44 10.75
C GLY A 241 -1.24 -8.35 10.63
N GLU A 242 -2.19 -8.56 9.72
CA GLU A 242 -3.22 -7.55 9.35
C GLU A 242 -4.19 -7.10 10.44
N ASP A 243 -4.30 -7.87 11.51
CA ASP A 243 -5.06 -7.46 12.68
C ASP A 243 -4.31 -6.48 13.58
N SER A 244 -2.99 -6.40 13.43
CA SER A 244 -2.19 -5.46 14.23
C SER A 244 -2.31 -4.02 13.75
N LYS A 245 -2.31 -3.10 14.70
CA LYS A 245 -2.25 -1.67 14.41
C LYS A 245 -1.29 -0.96 15.35
N HIS A 246 -1.07 0.30 15.05
CA HIS A 246 -0.17 1.10 15.83
C HIS A 246 -0.68 1.22 17.27
N CYS A 247 0.25 1.07 18.21
CA CYS A 247 -0.01 1.28 19.62
C CYS A 247 0.54 2.66 20.01
N PRO A 248 -0.35 3.64 20.23
CA PRO A 248 -1.76 3.66 20.55
C PRO A 248 -2.51 2.33 20.52
N THR A 253 7.55 8.56 20.43
CA THR A 253 7.24 8.47 19.00
C THR A 253 8.50 8.49 18.13
N CYS A 254 8.43 7.82 16.99
CA CYS A 254 9.54 7.65 16.04
C CYS A 254 10.67 6.68 16.47
N SER A 255 11.01 6.64 17.76
CA SER A 255 12.19 5.87 18.18
C SER A 255 11.95 4.36 18.26
N THR A 256 10.70 3.94 18.51
CA THR A 256 10.34 2.53 18.61
C THR A 256 8.90 2.33 18.22
N LEU A 257 8.67 1.44 17.24
CA LEU A 257 7.32 1.20 16.74
C LEU A 257 6.65 0.13 17.58
N TRP A 258 5.59 0.52 18.28
CA TRP A 258 4.84 -0.39 19.12
C TRP A 258 3.54 -0.72 18.41
N CYS A 259 3.17 -2.00 18.44
CA CYS A 259 1.98 -2.48 17.75
C CYS A 259 1.08 -3.27 18.68
N THR A 260 -0.20 -3.36 18.32
CA THR A 260 -1.18 -4.07 19.15
C THR A 260 -1.07 -5.58 18.95
N GLY A 261 -1.35 -6.33 20.02
CA GLY A 261 -1.32 -7.79 19.96
C GLY A 261 -2.53 -8.38 20.64
N VAL A 266 -7.70 -6.41 28.21
CA VAL A 266 -6.51 -5.64 28.58
C VAL A 266 -5.77 -5.24 27.31
N LEU A 267 -5.30 -4.00 27.24
CA LEU A 267 -4.55 -3.53 26.08
C LEU A 267 -3.17 -4.20 26.08
N VAL A 268 -2.88 -4.92 24.99
CA VAL A 268 -1.60 -5.62 24.79
C VAL A 268 -0.88 -5.04 23.59
N CYS A 269 0.39 -4.70 23.79
CA CYS A 269 1.21 -4.09 22.76
C CYS A 269 2.58 -4.76 22.71
N GLN A 270 3.20 -4.70 21.55
CA GLN A 270 4.44 -5.43 21.29
C GLN A 270 5.34 -4.66 20.32
N THR A 271 6.61 -5.04 20.30
CA THR A 271 7.57 -4.37 19.45
C THR A 271 8.76 -5.28 19.10
N LYS A 272 9.26 -5.10 17.88
CA LYS A 272 10.57 -5.64 17.48
C LYS A 272 11.71 -4.64 17.74
N HIS A 273 11.43 -3.51 18.41
CA HIS A 273 12.47 -2.54 18.82
C HIS A 273 13.13 -1.71 17.70
N PHE A 274 12.48 -1.62 16.54
CA PHE A 274 13.00 -0.83 15.42
C PHE A 274 12.32 0.54 15.37
N PRO A 275 13.02 1.56 14.84
CA PRO A 275 12.39 2.86 14.67
C PRO A 275 11.18 2.83 13.73
N TRP A 276 10.36 3.87 13.77
CA TRP A 276 9.35 4.08 12.75
C TRP A 276 10.14 4.31 11.46
N ALA A 277 9.59 3.87 10.33
CA ALA A 277 10.22 4.15 9.04
C ALA A 277 10.42 5.64 8.80
N ASP A 278 11.50 5.98 8.09
CA ASP A 278 11.71 7.36 7.65
C ASP A 278 10.53 7.83 6.81
N GLY A 279 10.08 9.05 7.11
CA GLY A 279 8.98 9.66 6.39
C GLY A 279 7.62 9.34 6.98
N THR A 280 7.59 8.50 8.01
CA THR A 280 6.35 8.22 8.71
C THR A 280 5.86 9.47 9.43
N SER A 281 4.61 9.81 9.16
CA SER A 281 3.94 10.93 9.81
C SER A 281 3.86 10.75 11.32
N CYS A 282 4.31 11.76 12.06
CA CYS A 282 4.18 11.81 13.51
C CYS A 282 3.49 13.11 13.94
N GLY A 283 2.59 13.63 13.09
CA GLY A 283 1.88 14.88 13.37
C GLY A 283 1.76 15.77 12.15
N GLU A 284 0.86 16.76 12.22
CA GLU A 284 0.70 17.71 11.11
C GLU A 284 2.01 18.46 10.86
N GLY A 285 2.53 18.32 9.64
CA GLY A 285 3.74 19.02 9.24
C GLY A 285 5.02 18.38 9.72
N LYS A 286 4.90 17.18 10.29
CA LYS A 286 6.04 16.51 10.88
C LYS A 286 6.12 15.04 10.49
N TRP A 287 7.35 14.54 10.41
CA TRP A 287 7.59 13.12 10.15
C TRP A 287 8.86 12.60 10.82
N CYS A 288 9.01 11.29 10.82
CA CYS A 288 10.13 10.65 11.49
C CYS A 288 11.32 10.63 10.57
N ILE A 289 12.44 11.17 11.05
CA ILE A 289 13.72 11.03 10.38
C ILE A 289 14.75 10.55 11.41
N ASN A 290 15.35 9.39 11.16
CA ASN A 290 16.32 8.79 12.08
C ASN A 290 15.86 8.68 13.54
N GLY A 291 14.64 8.18 13.73
CA GLY A 291 14.07 7.93 15.06
C GLY A 291 13.58 9.15 15.83
N LYS A 292 13.45 10.28 15.13
CA LYS A 292 13.10 11.56 15.75
C LYS A 292 12.07 12.27 14.91
N CYS A 293 11.04 12.80 15.58
CA CYS A 293 9.98 13.55 14.94
C CYS A 293 10.44 14.97 14.66
N VAL A 294 10.37 15.38 13.39
CA VAL A 294 10.92 16.64 12.92
C VAL A 294 9.96 17.29 11.92
N ASN A 295 10.12 18.60 11.76
CA ASN A 295 9.35 19.37 10.77
C ASN A 295 9.73 18.92 9.38
N LYS A 296 8.75 18.74 8.50
CA LYS A 296 9.01 18.40 7.10
C LYS A 296 9.78 19.49 6.33
N LEU A 297 9.41 20.75 6.58
CA LEU A 297 10.14 21.90 6.05
C LEU A 297 11.35 22.22 6.93
N VAL A 298 12.53 21.83 6.45
CA VAL A 298 13.78 22.03 7.19
C VAL A 298 14.19 23.52 7.25
N PRO A 299 14.69 24.00 8.42
CA PRO A 299 15.13 25.41 8.55
C PRO A 299 16.39 25.79 7.77
N SER B 4 -25.96 22.73 13.18
CA SER B 4 -25.82 21.34 13.73
C SER B 4 -24.91 20.46 12.86
N HIS B 5 -23.89 19.90 13.51
CA HIS B 5 -22.97 19.01 12.86
C HIS B 5 -23.57 17.60 12.79
N ARG B 6 -23.53 17.00 11.61
CA ARG B 6 -24.03 15.65 11.36
C ARG B 6 -22.84 14.71 11.25
N TYR B 7 -22.99 13.49 11.77
CA TYR B 7 -21.95 12.46 11.75
C TYR B 7 -22.58 11.18 11.24
N VAL B 8 -22.07 10.68 10.12
CA VAL B 8 -22.58 9.44 9.56
C VAL B 8 -21.66 8.31 10.03
N GLU B 9 -22.13 7.62 11.06
CA GLU B 9 -21.42 6.48 11.63
C GLU B 9 -21.54 5.28 10.68
N THR B 10 -20.40 4.80 10.19
CA THR B 10 -20.36 3.87 9.06
C THR B 10 -19.62 2.57 9.38
N MET B 11 -20.26 1.43 9.11
CA MET B 11 -19.54 0.15 8.94
C MET B 11 -19.11 -0.08 7.48
N LEU B 12 -17.83 -0.35 7.28
CA LEU B 12 -17.33 -0.78 5.97
C LEU B 12 -17.09 -2.29 5.98
N VAL B 13 -17.65 -2.96 4.98
CA VAL B 13 -17.49 -4.40 4.80
C VAL B 13 -16.83 -4.68 3.46
N ALA B 14 -15.96 -5.69 3.46
CA ALA B 14 -15.23 -6.11 2.27
C ALA B 14 -15.38 -7.61 2.14
N ASP B 15 -15.78 -8.09 0.96
CA ASP B 15 -16.06 -9.51 0.73
C ASP B 15 -14.77 -10.28 0.48
N GLN B 16 -14.87 -11.57 0.19
CA GLN B 16 -13.67 -12.39 0.05
C GLN B 16 -12.78 -12.00 -1.13
N SER B 17 -13.43 -11.61 -2.22
CA SER B 17 -12.73 -11.14 -3.42
C SER B 17 -11.81 -9.95 -3.11
N MET B 18 -12.29 -9.02 -2.30
CA MET B 18 -11.47 -7.86 -1.85
C MET B 18 -10.30 -8.28 -0.97
N ALA B 19 -10.55 -9.17 -0.02
CA ALA B 19 -9.50 -9.66 0.89
C ALA B 19 -8.33 -10.30 0.12
N GLU B 20 -8.67 -11.16 -0.84
CA GLU B 20 -7.66 -11.81 -1.66
C GLU B 20 -6.89 -10.84 -2.54
N PHE B 21 -7.60 -9.89 -3.16
CA PHE B 21 -6.96 -8.96 -4.09
C PHE B 21 -5.93 -8.06 -3.40
N HIS B 22 -6.36 -7.43 -2.30
CA HIS B 22 -5.57 -6.42 -1.59
C HIS B 22 -4.63 -6.97 -0.48
N GLY B 23 -4.88 -8.19 -0.01
CA GLY B 23 -4.06 -8.74 1.07
C GLY B 23 -4.06 -7.86 2.30
N SER B 24 -2.89 -7.72 2.95
CA SER B 24 -2.78 -6.93 4.20
C SER B 24 -3.14 -5.45 4.01
N GLY B 25 -2.92 -4.94 2.80
CA GLY B 25 -3.25 -3.56 2.45
C GLY B 25 -4.74 -3.21 2.37
N LEU B 26 -5.63 -4.17 2.53
CA LEU B 26 -7.07 -3.93 2.33
C LEU B 26 -7.69 -2.79 3.15
N LYS B 27 -7.34 -2.72 4.43
CA LYS B 27 -7.99 -1.78 5.32
C LYS B 27 -7.56 -0.38 4.98
N HIS B 28 -6.28 -0.21 4.69
CA HIS B 28 -5.80 1.09 4.30
C HIS B 28 -6.44 1.53 2.97
N TYR B 29 -6.64 0.61 2.03
CA TYR B 29 -7.30 0.93 0.74
C TYR B 29 -8.75 1.40 1.00
N LEU B 30 -9.49 0.66 1.82
CA LEU B 30 -10.89 1.00 2.14
C LEU B 30 -11.02 2.37 2.81
N LEU B 31 -10.14 2.62 3.78
CA LEU B 31 -10.11 3.90 4.47
C LEU B 31 -9.66 5.03 3.53
N THR B 32 -8.83 4.70 2.55
CA THR B 32 -8.42 5.66 1.49
C THR B 32 -9.62 6.06 0.61
N LEU B 33 -10.40 5.08 0.16
CA LEU B 33 -11.61 5.37 -0.62
C LEU B 33 -12.56 6.26 0.20
N PHE B 34 -12.74 5.92 1.47
CA PHE B 34 -13.63 6.66 2.37
C PHE B 34 -13.17 8.11 2.65
N SER B 35 -11.86 8.30 2.77
CA SER B 35 -11.32 9.64 3.01
C SER B 35 -11.71 10.58 1.89
N VAL B 36 -11.67 10.08 0.66
CA VAL B 36 -12.05 10.87 -0.50
C VAL B 36 -13.55 11.19 -0.44
N ALA B 37 -14.40 10.21 -0.15
CA ALA B 37 -15.85 10.47 0.01
C ALA B 37 -16.14 11.47 1.15
N ALA B 38 -15.43 11.33 2.27
CA ALA B 38 -15.57 12.25 3.39
C ALA B 38 -15.25 13.69 3.01
N ARG B 39 -14.16 13.90 2.27
CA ARG B 39 -13.79 15.23 1.81
C ARG B 39 -14.88 15.82 0.91
N LEU B 40 -15.47 14.97 0.06
CA LEU B 40 -16.49 15.45 -0.88
C LEU B 40 -17.74 15.91 -0.12
N TYR B 41 -18.09 15.19 0.94
CA TYR B 41 -19.25 15.55 1.74
C TYR B 41 -18.98 16.81 2.58
N LYS B 42 -17.72 17.17 2.75
CA LYS B 42 -17.32 18.41 3.41
C LYS B 42 -17.27 19.63 2.49
N HIS B 43 -17.49 19.46 1.19
CA HIS B 43 -17.44 20.60 0.28
C HIS B 43 -18.63 21.52 0.59
N PRO B 44 -18.37 22.86 0.67
CA PRO B 44 -19.43 23.79 1.03
C PRO B 44 -20.66 23.75 0.12
N SER B 45 -20.46 23.35 -1.15
CA SER B 45 -21.55 23.24 -2.13
C SER B 45 -22.68 22.25 -1.74
N ILE B 46 -22.44 21.41 -0.72
CA ILE B 46 -23.48 20.52 -0.20
C ILE B 46 -24.40 21.23 0.81
N ARG B 47 -23.95 22.39 1.29
CA ARG B 47 -24.74 23.33 2.10
C ARG B 47 -25.13 22.80 3.49
N ASN B 48 -24.49 21.72 3.91
CA ASN B 48 -24.72 21.10 5.21
C ASN B 48 -23.39 20.69 5.83
N SER B 49 -23.36 20.52 7.15
CA SER B 49 -22.17 20.01 7.85
C SER B 49 -22.34 18.51 8.08
N VAL B 50 -21.66 17.70 7.24
CA VAL B 50 -21.78 16.23 7.29
C VAL B 50 -20.41 15.57 7.35
N SER B 51 -20.13 14.90 8.47
CA SER B 51 -18.88 14.20 8.68
C SER B 51 -19.05 12.69 8.57
N LEU B 52 -18.49 12.09 7.51
CA LEU B 52 -18.49 10.64 7.36
C LEU B 52 -17.43 10.05 8.28
N VAL B 53 -17.82 9.09 9.09
CA VAL B 53 -16.87 8.42 9.99
C VAL B 53 -17.06 6.90 10.08
N VAL B 54 -15.94 6.19 10.22
CA VAL B 54 -15.95 4.74 10.34
C VAL B 54 -15.89 4.36 11.81
N VAL B 55 -16.84 3.54 12.27
CA VAL B 55 -16.85 2.97 13.62
C VAL B 55 -16.64 1.46 13.62
N LYS B 56 -16.70 0.84 12.45
CA LYS B 56 -16.54 -0.61 12.33
C LYS B 56 -16.15 -1.02 10.92
N ILE B 57 -15.23 -1.97 10.84
CA ILE B 57 -14.79 -2.57 9.58
C ILE B 57 -14.90 -4.08 9.74
N LEU B 58 -15.49 -4.74 8.76
CA LEU B 58 -15.57 -6.20 8.73
C LEU B 58 -15.03 -6.71 7.39
N VAL B 59 -14.08 -7.64 7.46
CA VAL B 59 -13.52 -8.27 6.28
C VAL B 59 -13.94 -9.73 6.32
N ILE B 60 -14.47 -10.21 5.19
CA ILE B 60 -14.90 -11.61 5.07
C ILE B 60 -13.81 -12.45 4.42
N HIS B 61 -13.08 -13.21 5.23
CA HIS B 61 -12.04 -14.11 4.70
C HIS B 61 -12.62 -15.44 4.22
N ASP B 62 -13.71 -15.86 4.84
CA ASP B 62 -14.43 -17.05 4.38
C ASP B 62 -15.83 -16.64 3.93
N GLU B 63 -16.11 -16.80 2.64
CA GLU B 63 -17.38 -16.34 2.05
C GLU B 63 -18.61 -17.08 2.54
N GLN B 64 -18.42 -18.22 3.22
CA GLN B 64 -19.54 -18.94 3.83
C GLN B 64 -20.23 -18.07 4.87
N LYS B 65 -19.44 -17.32 5.65
CA LYS B 65 -19.99 -16.52 6.75
C LYS B 65 -20.15 -15.03 6.39
N GLY B 66 -20.39 -14.75 5.11
CA GLY B 66 -20.71 -13.39 4.64
C GLY B 66 -21.99 -13.38 3.81
N PRO B 67 -22.35 -12.20 3.26
CA PRO B 67 -23.53 -12.13 2.41
C PRO B 67 -23.29 -12.81 1.05
N GLU B 68 -24.35 -13.32 0.45
CA GLU B 68 -24.26 -13.90 -0.88
C GLU B 68 -24.13 -12.79 -1.91
N VAL B 69 -22.98 -12.74 -2.59
CA VAL B 69 -22.66 -11.71 -3.58
C VAL B 69 -22.68 -12.31 -5.00
N THR B 70 -23.51 -11.72 -5.87
CA THR B 70 -23.56 -12.08 -7.29
C THR B 70 -23.47 -10.82 -8.16
N SER B 71 -23.52 -11.02 -9.48
CA SER B 71 -23.48 -9.91 -10.44
C SER B 71 -24.80 -9.14 -10.54
N ASN B 72 -25.90 -9.73 -10.06
CA ASN B 72 -27.18 -9.03 -9.94
C ASN B 72 -27.13 -8.09 -8.75
N ALA B 73 -27.02 -6.80 -9.03
CA ALA B 73 -26.72 -5.79 -8.00
C ALA B 73 -27.85 -5.59 -6.99
N ALA B 74 -29.09 -5.72 -7.44
CA ALA B 74 -30.25 -5.48 -6.57
C ALA B 74 -30.41 -6.59 -5.51
N LEU B 75 -30.14 -7.84 -5.88
CA LEU B 75 -30.25 -8.94 -4.93
C LEU B 75 -29.09 -8.92 -3.96
N THR B 76 -27.90 -8.57 -4.46
CA THR B 76 -26.74 -8.43 -3.61
C THR B 76 -26.97 -7.34 -2.55
N LEU B 77 -27.66 -6.27 -2.92
CA LEU B 77 -28.00 -5.20 -1.97
C LEU B 77 -28.95 -5.74 -0.91
N ARG B 78 -30.02 -6.39 -1.37
CA ARG B 78 -31.03 -6.99 -0.48
C ARG B 78 -30.38 -7.97 0.47
N ASN B 79 -29.56 -8.86 -0.09
CA ASN B 79 -28.84 -9.86 0.69
C ASN B 79 -27.95 -9.22 1.75
N PHE B 80 -27.15 -8.24 1.33
CA PHE B 80 -26.21 -7.54 2.22
C PHE B 80 -26.91 -6.79 3.34
N CYS B 81 -27.98 -6.07 2.99
CA CYS B 81 -28.70 -5.27 3.96
C CYS B 81 -29.39 -6.17 5.01
N ASN B 82 -29.92 -7.31 4.56
CA ASN B 82 -30.43 -8.32 5.49
C ASN B 82 -29.34 -8.86 6.39
N TRP B 83 -28.18 -9.16 5.80
CA TRP B 83 -27.05 -9.73 6.52
C TRP B 83 -26.47 -8.83 7.61
N GLN B 84 -26.39 -7.52 7.35
CA GLN B 84 -25.65 -6.59 8.23
C GLN B 84 -26.31 -6.34 9.58
N LYS B 85 -27.64 -6.43 9.62
CA LYS B 85 -28.43 -6.16 10.82
C LYS B 85 -27.87 -6.79 12.10
N GLN B 86 -27.43 -8.04 11.99
CA GLN B 86 -26.87 -8.78 13.12
C GLN B 86 -25.54 -8.22 13.65
N HIS B 87 -24.82 -7.44 12.84
CA HIS B 87 -23.54 -6.88 13.25
C HIS B 87 -23.62 -5.45 13.81
N ASN B 88 -24.84 -5.01 14.13
CA ASN B 88 -25.09 -3.66 14.61
C ASN B 88 -25.65 -3.69 16.03
N PRO B 89 -24.88 -3.21 17.03
CA PRO B 89 -25.36 -3.17 18.42
C PRO B 89 -26.66 -2.36 18.56
N PRO B 90 -27.77 -3.00 19.02
CA PRO B 90 -29.13 -2.41 19.11
C PRO B 90 -29.30 -0.89 19.40
N SER B 91 -28.44 -0.30 20.25
CA SER B 91 -28.57 1.11 20.65
C SER B 91 -27.37 1.96 20.23
N ASP B 92 -27.64 3.19 19.80
CA ASP B 92 -26.58 4.09 19.30
C ASP B 92 -25.69 4.64 20.42
N ARG B 93 -25.97 4.23 21.65
CA ARG B 93 -25.06 4.49 22.76
C ARG B 93 -23.75 3.73 22.53
N ASP B 94 -23.86 2.48 22.10
CA ASP B 94 -22.70 1.64 21.80
C ASP B 94 -21.76 2.31 20.78
N ALA B 95 -20.46 2.24 21.04
CA ALA B 95 -19.47 2.91 20.20
C ALA B 95 -19.37 2.30 18.79
N GLU B 96 -19.76 1.04 18.64
CA GLU B 96 -19.74 0.37 17.34
C GLU B 96 -21.12 0.33 16.67
N HIS B 97 -22.08 1.12 17.14
CA HIS B 97 -23.35 1.23 16.43
C HIS B 97 -23.17 2.18 15.25
N TYR B 98 -23.63 1.76 14.07
CA TYR B 98 -23.47 2.52 12.83
C TYR B 98 -24.80 2.98 12.27
N ASP B 99 -24.76 4.09 11.52
CA ASP B 99 -25.95 4.69 10.91
C ASP B 99 -26.14 4.24 9.45
N THR B 100 -25.07 3.75 8.82
CA THR B 100 -25.13 3.15 7.47
C THR B 100 -23.98 2.16 7.20
N ALA B 101 -24.25 1.14 6.38
CA ALA B 101 -23.25 0.10 6.07
C ALA B 101 -22.92 0.13 4.58
N ILE B 102 -21.65 -0.07 4.23
CA ILE B 102 -21.21 -0.14 2.83
C ILE B 102 -20.46 -1.45 2.55
N LEU B 103 -20.89 -2.19 1.54
CA LEU B 103 -20.18 -3.38 1.05
C LEU B 103 -19.36 -3.10 -0.20
N PHE B 104 -18.10 -3.52 -0.18
CA PHE B 104 -17.19 -3.44 -1.34
C PHE B 104 -16.87 -4.83 -1.91
N THR B 105 -16.97 -4.99 -3.23
CA THR B 105 -16.63 -6.24 -3.92
C THR B 105 -15.80 -5.98 -5.18
N ARG B 106 -15.01 -6.98 -5.59
CA ARG B 106 -14.32 -6.93 -6.88
C ARG B 106 -15.20 -7.50 -8.00
N GLN B 107 -16.23 -8.25 -7.63
CA GLN B 107 -17.24 -8.78 -8.57
C GLN B 107 -17.87 -7.69 -9.45
N ASP B 108 -18.09 -8.04 -10.72
CA ASP B 108 -18.74 -7.15 -11.67
C ASP B 108 -20.25 -7.16 -11.44
N LEU B 109 -20.78 -6.03 -10.98
CA LEU B 109 -22.20 -5.88 -10.71
C LEU B 109 -22.92 -5.38 -11.97
N CYS B 110 -24.10 -5.93 -12.24
CA CYS B 110 -24.90 -5.50 -13.39
C CYS B 110 -26.29 -5.03 -12.96
N GLY B 111 -26.90 -4.21 -13.81
CA GLY B 111 -28.32 -3.89 -13.70
C GLY B 111 -29.15 -4.92 -14.44
N SER B 112 -30.29 -4.49 -14.99
CA SER B 112 -31.20 -5.40 -15.69
C SER B 112 -30.84 -5.59 -17.18
N GLN B 113 -30.25 -4.54 -17.78
CA GLN B 113 -29.80 -4.61 -19.18
C GLN B 113 -28.57 -3.72 -19.35
N THR B 114 -27.48 -4.16 -18.73
CA THR B 114 -26.14 -3.53 -18.83
C THR B 114 -25.33 -3.88 -17.60
N CYS B 115 -24.05 -4.13 -17.79
CA CYS B 115 -23.15 -4.38 -16.67
C CYS B 115 -22.13 -3.25 -16.51
N ASP B 116 -22.51 -2.05 -16.93
CA ASP B 116 -21.70 -0.84 -16.73
C ASP B 116 -21.86 -0.32 -15.31
N THR B 117 -22.94 -0.73 -14.64
CA THR B 117 -23.22 -0.39 -13.24
C THR B 117 -22.02 -0.64 -12.33
N LEU B 118 -21.77 0.28 -11.41
CA LEU B 118 -20.66 0.17 -10.45
C LEU B 118 -21.08 0.25 -8.97
N GLY B 119 -22.37 0.46 -8.72
CA GLY B 119 -22.87 0.54 -7.35
C GLY B 119 -24.39 0.47 -7.28
N MET B 120 -24.90 0.27 -6.07
CA MET B 120 -26.33 0.27 -5.84
C MET B 120 -26.69 0.64 -4.41
N ALA B 121 -27.82 1.32 -4.26
CA ALA B 121 -28.37 1.64 -2.95
C ALA B 121 -29.87 1.89 -3.09
N ASP B 122 -30.56 2.11 -1.98
CA ASP B 122 -31.95 2.58 -2.02
C ASP B 122 -31.95 4.08 -1.71
N VAL B 123 -33.10 4.74 -1.93
CA VAL B 123 -33.15 6.20 -1.83
C VAL B 123 -33.73 6.69 -0.49
N GLY B 124 -32.99 7.59 0.17
CA GLY B 124 -33.45 8.26 1.38
C GLY B 124 -33.68 7.35 2.58
N THR B 125 -32.63 6.60 2.95
CA THR B 125 -32.73 5.52 3.95
C THR B 125 -31.81 5.67 5.17
N VAL B 126 -31.14 6.81 5.30
CA VAL B 126 -29.97 6.94 6.17
C VAL B 126 -30.20 6.62 7.66
N CYS B 127 -31.35 6.97 8.20
CA CYS B 127 -31.63 6.66 9.62
C CYS B 127 -32.69 5.55 9.73
N ASP B 128 -32.57 4.56 8.84
CA ASP B 128 -33.35 3.34 8.87
C ASP B 128 -32.35 2.17 8.84
N PRO B 129 -32.06 1.59 10.02
CA PRO B 129 -31.04 0.52 10.09
C PRO B 129 -31.33 -0.72 9.24
N SER B 130 -32.60 -0.98 8.91
CA SER B 130 -32.93 -2.08 8.01
C SER B 130 -32.69 -1.77 6.53
N ARG B 131 -32.50 -0.49 6.18
CA ARG B 131 -32.34 -0.10 4.77
C ARG B 131 -31.14 0.80 4.44
N SER B 132 -30.36 1.20 5.44
CA SER B 132 -29.26 2.13 5.21
C SER B 132 -28.02 1.35 4.74
N CYS B 133 -28.05 0.96 3.47
CA CYS B 133 -27.02 0.11 2.88
C CYS B 133 -26.73 0.52 1.46
N SER B 134 -25.51 0.25 1.04
CA SER B 134 -25.11 0.41 -0.35
C SER B 134 -24.01 -0.61 -0.69
N VAL B 135 -23.96 -1.01 -1.96
CA VAL B 135 -22.96 -1.95 -2.45
C VAL B 135 -22.11 -1.29 -3.56
N ILE B 136 -20.79 -1.40 -3.42
CA ILE B 136 -19.82 -0.75 -4.31
C ILE B 136 -18.91 -1.79 -4.97
N GLU B 137 -18.80 -1.71 -6.30
CA GLU B 137 -17.86 -2.55 -7.04
C GLU B 137 -16.52 -1.83 -7.09
N ASP B 138 -15.47 -2.52 -6.64
CA ASP B 138 -14.15 -1.91 -6.58
C ASP B 138 -13.45 -2.03 -7.91
N ASP B 139 -13.43 -0.94 -8.66
CA ASP B 139 -12.74 -0.88 -9.95
C ASP B 139 -11.55 0.09 -9.89
N GLY B 140 -11.01 0.31 -8.70
CA GLY B 140 -9.94 1.28 -8.53
C GLY B 140 -10.33 2.46 -7.64
N LEU B 141 -9.43 3.43 -7.54
CA LEU B 141 -9.64 4.59 -6.68
C LEU B 141 -10.85 5.44 -7.08
N GLN B 142 -11.29 5.31 -8.33
CA GLN B 142 -12.51 5.93 -8.81
C GLN B 142 -13.77 5.40 -8.09
N ALA B 143 -13.67 4.24 -7.42
CA ALA B 143 -14.75 3.74 -6.55
C ALA B 143 -15.09 4.64 -5.34
N ALA B 144 -14.19 5.56 -4.99
CA ALA B 144 -14.48 6.57 -3.95
C ALA B 144 -15.61 7.48 -4.40
N PHE B 145 -15.59 7.84 -5.68
CA PHE B 145 -16.63 8.68 -6.26
C PHE B 145 -17.94 7.88 -6.34
N THR B 146 -17.84 6.59 -6.65
CA THR B 146 -19.04 5.74 -6.67
C THR B 146 -19.65 5.67 -5.28
N THR B 147 -18.78 5.53 -4.26
CA THR B 147 -19.21 5.50 -2.87
C THR B 147 -20.01 6.75 -2.45
N ALA B 148 -19.44 7.92 -2.74
CA ALA B 148 -20.08 9.20 -2.48
C ALA B 148 -21.41 9.39 -3.23
N HIS B 149 -21.47 8.95 -4.49
CA HIS B 149 -22.67 8.96 -5.31
C HIS B 149 -23.81 8.13 -4.69
N GLU B 150 -23.51 6.88 -4.37
CA GLU B 150 -24.50 5.99 -3.74
C GLU B 150 -24.99 6.48 -2.38
N LEU B 151 -24.08 7.03 -1.57
CA LEU B 151 -24.45 7.67 -0.32
C LEU B 151 -25.33 8.91 -0.57
N GLY B 152 -25.18 9.53 -1.76
CA GLY B 152 -26.05 10.60 -2.21
C GLY B 152 -27.50 10.15 -2.32
N HIS B 153 -27.71 8.99 -2.93
CA HIS B 153 -29.01 8.32 -2.93
C HIS B 153 -29.51 8.03 -1.49
N VAL B 154 -28.66 7.42 -0.67
CA VAL B 154 -29.00 7.15 0.74
C VAL B 154 -29.57 8.41 1.42
N PHE B 155 -28.96 9.56 1.12
CA PHE B 155 -29.42 10.88 1.57
C PHE B 155 -30.53 11.52 0.73
N ASN B 156 -31.24 10.70 -0.06
CA ASN B 156 -32.42 11.14 -0.83
C ASN B 156 -32.10 12.00 -2.07
N MET B 157 -30.86 11.99 -2.55
CA MET B 157 -30.54 12.75 -3.77
C MET B 157 -30.89 11.96 -5.04
N PRO B 158 -31.62 12.57 -5.98
CA PRO B 158 -31.85 11.93 -7.28
C PRO B 158 -30.70 12.23 -8.24
N HIS B 159 -30.79 11.67 -9.46
CA HIS B 159 -29.85 12.00 -10.52
C HIS B 159 -30.10 13.43 -11.03
N ASP B 160 -29.04 14.16 -11.33
CA ASP B 160 -29.15 15.54 -11.79
C ASP B 160 -29.94 15.68 -13.09
N ASP B 161 -30.10 14.57 -13.82
CA ASP B 161 -30.91 14.56 -15.05
C ASP B 161 -32.31 13.94 -14.91
N ALA B 162 -32.74 13.66 -13.68
CA ALA B 162 -34.14 13.31 -13.43
C ALA B 162 -35.01 14.56 -13.55
N LYS B 163 -36.30 14.35 -13.81
CA LYS B 163 -37.27 15.44 -14.04
C LYS B 163 -37.35 16.41 -12.84
N GLN B 164 -37.52 15.85 -11.65
CA GLN B 164 -37.39 16.58 -10.36
C GLN B 164 -36.33 17.70 -10.40
N CYS B 165 -35.15 17.36 -10.90
CA CYS B 165 -34.00 18.27 -10.90
C CYS B 165 -33.93 19.29 -12.04
N ALA B 166 -34.76 19.11 -13.07
CA ALA B 166 -34.67 19.94 -14.28
C ALA B 166 -34.73 21.45 -14.00
N SER B 167 -35.69 21.89 -13.18
CA SER B 167 -35.81 23.31 -12.85
C SER B 167 -34.73 23.85 -11.94
N LEU B 168 -34.22 23.00 -11.03
CA LEU B 168 -33.25 23.44 -10.03
C LEU B 168 -31.85 23.60 -10.60
N ASN B 169 -31.50 22.74 -11.57
CA ASN B 169 -30.18 22.70 -12.21
C ASN B 169 -30.09 23.54 -13.48
N SER B 175 -21.67 17.24 -14.82
CA SER B 175 -20.39 17.55 -14.17
C SER B 175 -20.46 17.59 -12.64
N HIS B 176 -21.53 17.05 -12.05
CA HIS B 176 -21.68 17.01 -10.57
C HIS B 176 -21.81 15.57 -10.09
N MET B 177 -21.78 15.39 -8.77
CA MET B 177 -21.72 14.07 -8.18
C MET B 177 -22.87 13.15 -8.56
N MET B 178 -24.08 13.69 -8.64
CA MET B 178 -25.25 12.86 -8.92
C MET B 178 -25.60 12.76 -10.40
N ALA B 179 -24.62 13.03 -11.27
CA ALA B 179 -24.79 12.75 -12.69
C ALA B 179 -25.05 11.25 -12.89
N SER B 180 -26.02 10.91 -13.75
CA SER B 180 -26.27 9.50 -14.09
C SER B 180 -25.05 8.85 -14.77
N MET B 181 -24.16 9.67 -15.31
CA MET B 181 -22.88 9.22 -15.87
C MET B 181 -21.77 10.23 -15.57
N LEU B 182 -20.77 9.82 -14.80
CA LEU B 182 -19.61 10.70 -14.52
C LEU B 182 -19.25 11.53 -15.75
N ASN B 184 -16.01 13.90 -15.56
CA ASN B 184 -15.86 15.35 -15.67
C ASN B 184 -16.47 16.11 -14.48
N LEU B 185 -16.20 15.58 -13.28
CA LEU B 185 -16.70 16.17 -12.05
C LEU B 185 -16.10 17.56 -11.87
N ASP B 186 -16.96 18.56 -11.66
CA ASP B 186 -16.48 19.89 -11.33
C ASP B 186 -16.06 19.95 -9.86
N HIS B 187 -14.80 20.35 -9.64
CA HIS B 187 -14.19 20.33 -8.31
C HIS B 187 -14.38 21.68 -7.62
N SER B 188 -14.61 22.71 -8.41
CA SER B 188 -15.15 24.00 -7.92
C SER B 188 -16.44 23.81 -7.10
N GLN B 189 -17.28 22.88 -7.54
CA GLN B 189 -18.49 22.50 -6.81
C GLN B 189 -19.03 21.13 -7.27
N PRO B 190 -18.67 20.07 -6.53
CA PRO B 190 -19.13 18.73 -6.86
C PRO B 190 -20.63 18.54 -6.76
N TRP B 191 -21.30 19.24 -5.83
CA TRP B 191 -22.74 19.05 -5.61
C TRP B 191 -23.55 20.08 -6.36
N SER B 192 -24.49 19.59 -7.19
CA SER B 192 -25.38 20.45 -7.95
C SER B 192 -26.41 21.12 -7.04
N PRO B 193 -27.04 22.20 -7.52
CA PRO B 193 -28.16 22.83 -6.81
C PRO B 193 -29.24 21.83 -6.39
N CYS B 194 -29.59 20.92 -7.29
CA CYS B 194 -30.60 19.91 -6.99
C CYS B 194 -30.22 19.07 -5.77
N SER B 195 -29.01 18.51 -5.79
CA SER B 195 -28.51 17.66 -4.71
C SER B 195 -28.49 18.37 -3.38
N ALA B 196 -28.02 19.61 -3.38
CA ALA B 196 -28.01 20.49 -2.20
C ALA B 196 -29.40 20.68 -1.59
N TYR B 197 -30.37 21.02 -2.43
CA TYR B 197 -31.73 21.22 -1.93
C TYR B 197 -32.30 19.93 -1.35
N MET B 198 -32.09 18.83 -2.06
CA MET B 198 -32.73 17.57 -1.68
C MET B 198 -32.20 17.02 -0.36
N ILE B 199 -30.89 17.08 -0.15
CA ILE B 199 -30.31 16.61 1.10
C ILE B 199 -30.71 17.57 2.21
N THR B 200 -30.62 18.88 1.97
CA THR B 200 -30.94 19.88 2.96
C THR B 200 -32.40 19.74 3.41
N SER B 201 -33.30 19.53 2.46
CA SER B 201 -34.72 19.31 2.75
C SER B 201 -34.97 18.06 3.60
N PHE B 202 -34.36 16.96 3.16
CA PHE B 202 -34.46 15.65 3.80
C PHE B 202 -34.12 15.73 5.30
N LEU B 203 -33.00 16.40 5.61
CA LEU B 203 -32.53 16.57 6.98
C LEU B 203 -33.30 17.61 7.77
N ASP B 204 -33.82 18.62 7.08
CA ASP B 204 -34.78 19.56 7.70
C ASP B 204 -36.00 18.81 8.21
N ASN B 205 -36.55 17.93 7.36
CA ASN B 205 -37.74 17.14 7.71
C ASN B 205 -37.51 16.05 8.80
N GLY B 206 -36.28 15.96 9.33
CA GLY B 206 -35.99 15.17 10.54
C GLY B 206 -35.45 13.77 10.24
N HIS B 207 -35.15 13.50 8.97
CA HIS B 207 -34.79 12.15 8.54
C HIS B 207 -33.33 11.82 8.79
N GLY B 208 -32.58 12.77 9.37
CA GLY B 208 -31.20 12.53 9.80
C GLY B 208 -30.99 12.68 11.30
N GLU B 209 -32.02 12.35 12.09
CA GLU B 209 -31.96 12.39 13.56
C GLU B 209 -30.79 11.57 14.16
N CYS B 210 -30.55 10.39 13.60
CA CYS B 210 -29.52 9.45 14.09
C CYS B 210 -28.09 9.90 13.78
N LEU B 211 -27.96 10.98 13.02
CA LEU B 211 -26.66 11.52 12.65
C LEU B 211 -26.17 12.59 13.62
N MET B 212 -26.95 12.84 14.67
CA MET B 212 -26.66 13.96 15.58
C MET B 212 -25.63 13.63 16.68
N ASP B 213 -25.46 12.35 17.00
CA ASP B 213 -24.49 11.93 18.03
C ASP B 213 -23.06 11.79 17.47
N LYS B 214 -22.08 12.15 18.29
CA LYS B 214 -20.67 12.02 17.90
C LYS B 214 -20.22 10.56 17.94
N PRO B 215 -19.23 10.21 17.09
CA PRO B 215 -18.61 8.89 17.21
C PRO B 215 -17.75 8.79 18.47
N GLN B 216 -17.75 7.61 19.07
CA GLN B 216 -16.88 7.29 20.19
C GLN B 216 -15.71 6.47 19.64
N ASN B 217 -14.51 7.02 19.74
CA ASN B 217 -13.27 6.45 19.16
C ASN B 217 -13.43 5.85 17.75
N PRO B 218 -13.73 6.70 16.75
CA PRO B 218 -13.86 6.21 15.40
C PRO B 218 -12.50 5.86 14.82
N ILE B 219 -12.50 5.02 13.79
CA ILE B 219 -11.26 4.60 13.09
C ILE B 219 -10.72 5.75 12.25
N GLN B 220 -9.51 6.21 12.58
CA GLN B 220 -8.93 7.37 11.93
C GLN B 220 -8.81 7.21 10.40
N LEU B 221 -9.19 8.27 9.67
CA LEU B 221 -9.03 8.28 8.22
C LEU B 221 -7.69 8.88 7.84
N PRO B 222 -7.07 8.40 6.76
CA PRO B 222 -5.83 8.96 6.20
C PRO B 222 -5.90 10.48 5.95
N GLY B 223 -4.92 11.22 6.46
CA GLY B 223 -4.89 12.67 6.26
C GLY B 223 -4.37 13.09 4.90
N ASP B 224 -3.60 12.22 4.26
CA ASP B 224 -2.93 12.54 3.00
C ASP B 224 -3.85 12.26 1.79
N LEU B 225 -3.56 12.91 0.66
CA LEU B 225 -4.29 12.65 -0.58
C LEU B 225 -4.11 11.21 -1.11
N PRO B 226 -5.10 10.71 -1.87
CA PRO B 226 -5.08 9.28 -2.24
C PRO B 226 -3.87 8.85 -3.07
N GLY B 227 -3.41 9.73 -3.96
CA GLY B 227 -2.26 9.45 -4.78
C GLY B 227 -0.94 9.40 -4.04
N THR B 228 -0.90 9.91 -2.81
CA THR B 228 0.36 9.95 -2.06
C THR B 228 0.83 8.55 -1.65
N SER B 229 -0.09 7.69 -1.24
CA SER B 229 0.24 6.31 -0.89
C SER B 229 0.22 5.35 -2.08
N TYR B 230 -0.38 5.77 -3.20
CA TYR B 230 -0.58 4.91 -4.36
C TYR B 230 -0.21 5.62 -5.65
N ASP B 231 0.93 5.24 -6.22
CA ASP B 231 1.43 5.86 -7.46
C ASP B 231 0.65 5.40 -8.71
N ALA B 232 1.01 5.97 -9.85
CA ALA B 232 0.32 5.65 -11.10
C ALA B 232 0.31 4.14 -11.40
N ASN B 233 1.43 3.45 -11.13
CA ASN B 233 1.48 1.99 -11.31
C ASN B 233 0.43 1.29 -10.44
N ARG B 234 0.42 1.60 -9.15
CA ARG B 234 -0.59 1.03 -8.23
C ARG B 234 -2.01 1.27 -8.69
N GLN B 235 -2.30 2.51 -9.08
CA GLN B 235 -3.60 2.83 -9.64
C GLN B 235 -3.95 2.00 -10.89
N CYS B 236 -3.00 1.78 -11.78
CA CYS B 236 -3.24 0.87 -12.91
C CYS B 236 -3.52 -0.59 -12.48
N GLN B 237 -2.84 -1.04 -11.42
CA GLN B 237 -3.05 -2.36 -10.84
C GLN B 237 -4.46 -2.56 -10.24
N PHE B 238 -5.01 -1.52 -9.61
CA PHE B 238 -6.36 -1.64 -9.04
C PHE B 238 -7.42 -1.77 -10.12
N THR B 239 -7.20 -1.14 -11.26
CA THR B 239 -8.21 -1.11 -12.31
C THR B 239 -8.10 -2.27 -13.27
N PHE B 240 -6.89 -2.59 -13.69
CA PHE B 240 -6.65 -3.55 -14.73
C PHE B 240 -5.87 -4.76 -14.26
N GLY B 241 -5.73 -4.93 -12.96
CA GLY B 241 -5.07 -6.11 -12.46
C GLY B 241 -3.58 -5.94 -12.24
N GLU B 242 -3.06 -6.86 -11.44
CA GLU B 242 -1.74 -6.75 -10.83
C GLU B 242 -0.53 -6.73 -11.80
N ASP B 243 -0.72 -7.22 -13.02
CA ASP B 243 0.32 -7.16 -14.07
C ASP B 243 0.35 -5.81 -14.82
N SER B 244 -0.70 -5.00 -14.67
CA SER B 244 -0.77 -3.73 -15.36
C SER B 244 0.18 -2.72 -14.75
N LYS B 245 0.81 -1.93 -15.60
CA LYS B 245 1.60 -0.80 -15.11
C LYS B 245 1.16 0.47 -15.80
N HIS B 246 1.69 1.57 -15.31
CA HIS B 246 1.44 2.85 -15.91
C HIS B 246 2.00 2.86 -17.34
N CYS B 247 1.24 3.45 -18.26
CA CYS B 247 1.67 3.64 -19.64
C CYS B 247 2.01 5.13 -19.89
N THR B 253 1.29 14.23 -16.68
CA THR B 253 0.12 14.63 -17.49
C THR B 253 -1.14 14.83 -16.62
N CYS B 254 -1.44 13.85 -15.78
CA CYS B 254 -2.51 13.93 -14.74
C CYS B 254 -3.96 13.87 -15.21
N SER B 255 -4.22 14.20 -16.47
CA SER B 255 -5.59 14.37 -16.97
C SER B 255 -6.32 13.04 -17.21
N THR B 256 -5.58 12.03 -17.65
CA THR B 256 -6.16 10.72 -17.99
C THR B 256 -5.14 9.63 -17.68
N LEU B 257 -5.54 8.64 -16.88
CA LEU B 257 -4.63 7.55 -16.52
C LEU B 257 -4.65 6.42 -17.55
N TRP B 258 -3.51 6.21 -18.21
CA TRP B 258 -3.35 5.16 -19.23
C TRP B 258 -2.48 4.04 -18.65
N CYS B 259 -2.88 2.81 -18.93
CA CYS B 259 -2.31 1.63 -18.28
C CYS B 259 -2.02 0.54 -19.30
N THR B 260 -0.98 -0.26 -19.05
CA THR B 260 -0.67 -1.35 -19.97
C THR B 260 -1.73 -2.46 -19.93
N GLY B 261 -1.82 -3.19 -21.02
CA GLY B 261 -2.74 -4.34 -21.14
C GLY B 261 -2.15 -5.41 -22.05
N LEU B 267 3.09 -2.45 -28.17
CA LEU B 267 2.62 -1.78 -26.98
C LEU B 267 1.10 -1.60 -27.07
N VAL B 268 0.39 -2.13 -26.07
CA VAL B 268 -1.06 -1.98 -25.90
C VAL B 268 -1.35 -1.28 -24.58
N CYS B 269 -2.15 -0.22 -24.65
CA CYS B 269 -2.48 0.58 -23.49
C CYS B 269 -3.98 0.84 -23.48
N GLN B 270 -4.52 1.07 -22.30
CA GLN B 270 -5.97 1.15 -22.12
C GLN B 270 -6.32 2.13 -21.00
N THR B 271 -7.58 2.56 -20.95
CA THR B 271 -7.98 3.60 -20.03
C THR B 271 -9.48 3.56 -19.78
N LYS B 272 -9.87 3.90 -18.54
CA LYS B 272 -11.28 4.17 -18.22
C LYS B 272 -11.62 5.68 -18.27
N HIS B 273 -10.67 6.51 -18.71
CA HIS B 273 -10.91 7.95 -18.90
C HIS B 273 -11.07 8.75 -17.61
N PHE B 274 -10.41 8.34 -16.54
CA PHE B 274 -10.39 9.11 -15.30
C PHE B 274 -9.02 9.73 -15.12
N PRO B 275 -8.95 10.88 -14.42
CA PRO B 275 -7.63 11.47 -14.18
C PRO B 275 -6.85 10.64 -13.15
N TRP B 276 -5.57 11.00 -12.96
CA TRP B 276 -4.76 10.40 -11.92
C TRP B 276 -5.33 10.88 -10.60
N ALA B 277 -5.20 10.07 -9.55
CA ALA B 277 -5.71 10.44 -8.24
C ALA B 277 -5.02 11.73 -7.81
N ASP B 278 -5.74 12.58 -7.06
CA ASP B 278 -5.09 13.74 -6.45
C ASP B 278 -3.98 13.25 -5.52
N GLY B 279 -2.83 13.88 -5.65
CA GLY B 279 -1.66 13.58 -4.83
C GLY B 279 -0.63 12.72 -5.54
N THR B 280 -0.99 12.26 -6.74
CA THR B 280 -0.15 11.32 -7.46
C THR B 280 1.12 12.03 -7.95
N SER B 281 2.27 11.45 -7.60
CA SER B 281 3.56 11.95 -8.05
C SER B 281 3.59 11.97 -9.58
N CYS B 282 3.91 13.13 -10.16
CA CYS B 282 3.97 13.28 -11.61
C CYS B 282 5.24 13.98 -12.10
N GLY B 283 6.29 13.94 -11.28
CA GLY B 283 7.57 14.58 -11.60
C GLY B 283 8.35 14.97 -10.35
N GLU B 284 9.57 15.49 -10.54
CA GLU B 284 10.39 15.97 -9.42
C GLU B 284 9.68 17.12 -8.73
N GLY B 285 9.26 16.88 -7.49
CA GLY B 285 8.56 17.88 -6.70
C GLY B 285 7.22 18.33 -7.29
N LYS B 286 6.53 17.42 -7.97
CA LYS B 286 5.21 17.72 -8.52
C LYS B 286 4.22 16.61 -8.26
N TRP B 287 2.96 16.99 -8.07
CA TRP B 287 1.87 16.02 -7.88
C TRP B 287 0.61 16.50 -8.58
N CYS B 288 -0.35 15.60 -8.76
CA CYS B 288 -1.57 15.90 -9.51
C CYS B 288 -2.62 16.46 -8.59
N ILE B 289 -3.27 17.52 -9.04
CA ILE B 289 -4.41 18.10 -8.32
C ILE B 289 -5.42 18.51 -9.37
N ASN B 290 -6.65 17.98 -9.25
CA ASN B 290 -7.72 18.19 -10.20
C ASN B 290 -7.30 17.99 -11.68
N GLY B 291 -6.62 16.89 -11.94
CA GLY B 291 -6.22 16.54 -13.31
C GLY B 291 -5.03 17.29 -13.88
N LYS B 292 -4.36 18.10 -13.06
CA LYS B 292 -3.26 18.94 -13.54
C LYS B 292 -1.99 18.78 -12.71
N CYS B 293 -0.85 18.78 -13.40
CA CYS B 293 0.45 18.58 -12.77
C CYS B 293 0.98 19.89 -12.19
N VAL B 294 1.19 19.92 -10.87
CA VAL B 294 1.55 21.14 -10.13
C VAL B 294 2.59 20.86 -9.04
N ASN B 295 3.24 21.93 -8.58
CA ASN B 295 4.33 21.83 -7.61
C ASN B 295 3.85 21.44 -6.21
N LYS B 296 4.55 20.47 -5.62
CA LYS B 296 4.41 20.13 -4.21
C LYS B 296 5.72 20.56 -3.54
N LEU B 297 5.69 21.73 -2.90
CA LEU B 297 6.88 22.26 -2.21
C LEU B 297 7.28 21.49 -0.95
N VAL B 298 6.30 20.97 -0.22
CA VAL B 298 6.54 20.16 0.97
C VAL B 298 7.16 18.82 0.56
N PRO B 299 8.29 18.43 1.16
CA PRO B 299 8.99 17.18 0.83
C PRO B 299 8.15 15.93 0.97
N ARG B 300 8.55 14.89 0.23
CA ARG B 300 7.96 13.56 0.33
C ARG B 300 9.03 12.47 0.11
#